data_6YD7
#
_entry.id   6YD7
#
_cell.length_a   131.785
_cell.length_b   131.785
_cell.length_c   155.354
_cell.angle_alpha   90.000
_cell.angle_beta   90.000
_cell.angle_gamma   120.000
#
_symmetry.space_group_name_H-M   'P 65 2 2'
#
loop_
_entity.id
_entity.type
_entity.pdbx_description
1 polymer Furin
2 polymer 4-guanidinomethyl-phenylacetyl-Arg-Tle-Canavanine-Amba
3 non-polymer 'CALCIUM ION'
4 non-polymer 'SODIUM ION'
5 non-polymer 'CHLORIDE ION'
6 non-polymer 'PHOSPHATE ION'
7 non-polymer 'DIMETHYL SULFOXIDE'
8 water water
#
loop_
_entity_poly.entity_id
_entity_poly.type
_entity_poly.pdbx_seq_one_letter_code
_entity_poly.pdbx_strand_id
1 'polypeptide(L)'
;DVYQEPTDPKFPQQWYLSGVTQRDLNVKAAWAQGYTGHGIVVSILDDGIEKNHPDLAGNYDPGASFDVNDQDPDPQPRYT
QMNDNRHGTRCAGEVAAVANNGVCGVGVAYNARIGGVRMLDGEVTDAVEARSLGLNPNHIHIYSASWGPEDDGKTVDGPA
RLAEEAFFRGVSQGRGGLGSIFVWASGNGGREHDSCNCDGYTNSIYTLSISSATQFGNVPWYSEACSSTLATTYSSGNQN
EKQIVTTDLRQKCTESHTGTSASAPLAAGIIALTLEANKNLTWRDMQHLVVQTSKPAHLNANDWATNGVGRKVSHSYGYG
LLDAGAMVALAQNWTTVAPQRKCIIDILTEPKDIGKRLEVRKTVTACLGEPNHITRLEHAQARLTLSYNRRGDLAIHLVS
PMGTRSTLLAARPHDYSADGFNDWAFMTTHSWDEDPSGEWVLEIENTSEANNYGTLTKFTLVLYGTASGSLVPRGSHHHH
;
A
2 'polypeptide(L)' (3U0)R(TBG)(GGB)(00S) B
#
loop_
_chem_comp.id
_chem_comp.type
_chem_comp.name
_chem_comp.formula
00S non-polymer 4-(aminomethyl)benzenecarboximidamide 'C8 H11 N3'
CA non-polymer 'CALCIUM ION' 'Ca 2'
CL non-polymer 'CHLORIDE ION' 'Cl -1'
DMS non-polymer 'DIMETHYL SULFOXIDE' 'C2 H6 O S'
NA non-polymer 'SODIUM ION' 'Na 1'
PO4 non-polymer 'PHOSPHATE ION' 'O4 P -3'
#
# COMPACT_ATOMS: atom_id res chain seq x y z
N VAL A 2 27.59 -6.41 20.76
CA VAL A 2 27.20 -7.23 19.61
C VAL A 2 25.71 -7.56 19.71
N TYR A 3 24.94 -7.18 18.69
CA TYR A 3 23.51 -7.46 18.70
C TYR A 3 23.28 -8.97 18.78
N GLN A 4 22.35 -9.37 19.65
CA GLN A 4 21.97 -10.77 19.80
C GLN A 4 20.57 -10.95 19.23
N GLU A 5 20.43 -11.85 18.27
CA GLU A 5 19.14 -12.03 17.61
C GLU A 5 18.16 -12.78 18.53
N PRO A 6 16.87 -12.70 18.21
CA PRO A 6 15.86 -13.30 19.10
C PRO A 6 16.06 -14.79 19.28
N THR A 7 15.68 -15.26 20.46
CA THR A 7 15.74 -16.68 20.80
C THR A 7 14.38 -17.35 20.73
N ASP A 8 13.36 -16.65 20.27
CA ASP A 8 12.02 -17.21 20.30
C ASP A 8 11.97 -18.52 19.51
N PRO A 9 11.09 -19.44 19.92
CA PRO A 9 11.12 -20.80 19.36
C PRO A 9 10.86 -20.88 17.89
N LYS A 10 10.03 -20.00 17.34
CA LYS A 10 9.70 -20.02 15.93
C LYS A 10 10.47 -18.97 15.13
N PHE A 11 11.35 -18.20 15.78
CA PHE A 11 12.13 -17.21 15.03
C PHE A 11 12.92 -17.86 13.89
N PRO A 12 13.52 -19.04 14.07
CA PRO A 12 14.23 -19.67 12.94
C PRO A 12 13.36 -19.96 11.73
N GLN A 13 12.05 -20.06 11.90
CA GLN A 13 11.12 -20.23 10.80
C GLN A 13 10.72 -18.93 10.12
N GLN A 14 11.17 -17.79 10.62
CA GLN A 14 10.83 -16.48 10.03
C GLN A 14 11.85 -16.13 8.96
N TRP A 15 11.80 -16.93 7.88
CA TRP A 15 12.75 -16.85 6.79
C TRP A 15 12.79 -15.47 6.13
N TYR A 16 11.68 -14.73 6.19
CA TYR A 16 11.55 -13.44 5.52
C TYR A 16 12.20 -12.31 6.30
N LEU A 17 12.56 -12.53 7.57
CA LEU A 17 13.15 -11.47 8.36
C LEU A 17 14.67 -11.41 8.17
N SER A 18 15.31 -12.56 8.07
CA SER A 18 16.75 -12.58 7.91
C SER A 18 17.17 -13.94 7.40
N GLY A 19 18.40 -13.99 6.90
CA GLY A 19 18.99 -15.23 6.47
C GLY A 19 20.24 -15.00 5.65
N VAL A 20 21.05 -16.04 5.48
CA VAL A 20 22.21 -15.97 4.62
C VAL A 20 21.80 -16.04 3.15
N THR A 21 20.57 -16.47 2.86
CA THR A 21 20.16 -16.69 1.47
C THR A 21 19.96 -15.39 0.70
N GLN A 22 19.75 -14.26 1.39
CA GLN A 22 19.47 -12.93 0.82
C GLN A 22 18.02 -12.81 0.32
N ARG A 23 17.19 -13.85 0.46
CA ARG A 23 15.76 -13.74 0.19
C ARG A 23 15.05 -13.34 1.49
N ASP A 24 15.26 -12.09 1.90
CA ASP A 24 14.62 -11.59 3.12
C ASP A 24 14.48 -10.08 3.03
N LEU A 25 13.81 -9.52 4.04
CA LEU A 25 13.52 -8.08 4.13
C LEU A 25 14.59 -7.30 4.88
N ASN A 26 15.71 -7.94 5.23
CA ASN A 26 16.87 -7.24 5.80
C ASN A 26 16.51 -6.52 7.09
N VAL A 27 15.73 -7.21 7.93
CA VAL A 27 15.24 -6.61 9.17
C VAL A 27 16.30 -6.71 10.25
N LYS A 28 17.06 -7.81 10.28
CA LYS A 28 18.09 -7.96 11.30
C LYS A 28 19.11 -6.83 11.22
N ALA A 29 19.41 -6.37 10.01
CA ALA A 29 20.36 -5.26 9.86
C ALA A 29 19.83 -4.02 10.58
N ALA A 30 18.52 -3.78 10.52
CA ALA A 30 17.95 -2.64 11.21
C ALA A 30 18.01 -2.84 12.72
N TRP A 31 17.68 -4.04 13.19
CA TRP A 31 17.80 -4.35 14.60
C TRP A 31 19.21 -4.13 15.10
N ALA A 32 20.21 -4.51 14.30
CA ALA A 32 21.61 -4.37 14.70
C ALA A 32 22.03 -2.91 14.76
N GLN A 33 21.39 -2.03 13.99
CA GLN A 33 21.64 -0.60 14.09
C GLN A 33 20.95 0.01 15.32
N GLY A 34 20.21 -0.78 16.10
CA GLY A 34 19.54 -0.31 17.30
C GLY A 34 18.04 -0.03 17.18
N TYR A 35 17.42 -0.33 16.04
CA TYR A 35 16.03 0.03 15.81
C TYR A 35 15.15 -1.21 15.91
N THR A 36 14.30 -1.23 16.92
CA THR A 36 13.38 -2.32 17.14
C THR A 36 11.94 -1.84 17.28
N GLY A 37 11.70 -0.55 17.10
CA GLY A 37 10.36 0.00 17.16
C GLY A 37 10.05 0.75 18.43
N HIS A 38 11.01 0.89 19.34
N HIS A 38 11.02 0.89 19.34
CA HIS A 38 10.73 1.54 20.61
CA HIS A 38 10.78 1.59 20.60
C HIS A 38 10.15 2.93 20.37
C HIS A 38 10.14 2.94 20.35
N GLY A 39 9.01 3.19 21.01
CA GLY A 39 8.38 4.50 20.96
C GLY A 39 7.39 4.70 19.84
N ILE A 40 7.25 3.78 18.92
CA ILE A 40 6.35 3.90 17.80
C ILE A 40 5.06 3.13 18.13
N VAL A 41 3.96 3.65 17.63
CA VAL A 41 2.62 3.13 17.88
C VAL A 41 2.01 2.73 16.53
N VAL A 42 1.61 1.46 16.42
CA VAL A 42 0.96 0.93 15.22
C VAL A 42 -0.41 0.42 15.60
N SER A 43 -1.42 0.71 14.77
CA SER A 43 -2.76 0.16 14.98
C SER A 43 -3.20 -0.67 13.79
N ILE A 44 -3.74 -1.86 14.09
CA ILE A 44 -4.26 -2.79 13.11
C ILE A 44 -5.77 -2.54 12.98
N LEU A 45 -6.21 -2.06 11.82
CA LEU A 45 -7.63 -1.84 11.58
C LEU A 45 -8.18 -3.11 10.97
N ASP A 46 -8.96 -3.87 11.74
CA ASP A 46 -9.33 -5.21 11.27
C ASP A 46 -10.50 -5.74 12.09
N ASP A 47 -10.52 -7.03 12.41
CA ASP A 47 -11.65 -7.64 13.10
C ASP A 47 -11.41 -7.78 14.60
N GLY A 48 -10.41 -7.10 15.15
CA GLY A 48 -10.10 -7.15 16.56
C GLY A 48 -8.67 -7.61 16.81
N ILE A 49 -8.27 -7.51 18.08
CA ILE A 49 -6.93 -7.91 18.50
C ILE A 49 -7.04 -8.58 19.85
N GLU A 50 -6.45 -9.76 19.98
CA GLU A 50 -6.41 -10.50 21.25
C GLU A 50 -5.37 -9.83 22.14
N LYS A 51 -5.81 -8.84 22.93
CA LYS A 51 -4.87 -7.98 23.64
C LYS A 51 -4.13 -8.74 24.73
N ASN A 52 -4.67 -9.86 25.18
CA ASN A 52 -4.08 -10.69 26.21
C ASN A 52 -3.27 -11.84 25.64
N HIS A 53 -3.01 -11.84 24.35
CA HIS A 53 -2.21 -12.91 23.75
C HIS A 53 -0.82 -12.89 24.38
N PRO A 54 -0.26 -14.06 24.72
CA PRO A 54 1.06 -14.08 25.35
C PRO A 54 2.18 -13.44 24.54
N ASP A 55 2.03 -13.33 23.21
CA ASP A 55 3.04 -12.64 22.41
C ASP A 55 2.62 -11.22 22.01
N LEU A 56 1.47 -10.73 22.47
CA LEU A 56 1.10 -9.33 22.25
C LEU A 56 0.94 -8.51 23.52
N ALA A 57 0.64 -9.13 24.66
CA ALA A 57 0.29 -8.36 25.85
C ALA A 57 1.40 -7.39 26.22
N GLY A 58 2.66 -7.82 26.08
CA GLY A 58 3.77 -6.96 26.46
C GLY A 58 3.86 -5.66 25.68
N ASN A 59 3.31 -5.64 24.46
CA ASN A 59 3.38 -4.46 23.61
C ASN A 59 2.02 -3.79 23.41
N TYR A 60 0.96 -4.33 24.01
CA TYR A 60 -0.38 -3.87 23.69
C TYR A 60 -0.58 -2.45 24.22
N ASP A 61 -1.27 -1.63 23.43
CA ASP A 61 -1.48 -0.21 23.73
C ASP A 61 -2.98 0.08 23.62
N PRO A 62 -3.68 0.20 24.76
CA PRO A 62 -5.09 0.59 24.69
C PRO A 62 -5.31 1.90 23.99
N GLY A 63 -4.34 2.82 24.04
CA GLY A 63 -4.48 4.08 23.33
C GLY A 63 -4.47 3.96 21.82
N ALA A 64 -4.02 2.83 21.30
CA ALA A 64 -4.02 2.55 19.87
C ALA A 64 -5.20 1.69 19.45
N SER A 65 -6.21 1.57 20.31
CA SER A 65 -7.25 0.59 20.10
C SER A 65 -8.63 1.16 20.37
N PHE A 66 -9.62 0.57 19.71
CA PHE A 66 -11.02 0.91 19.93
C PHE A 66 -11.84 -0.18 19.26
N ASP A 67 -13.11 -0.27 19.66
CA ASP A 67 -14.06 -1.21 19.08
C ASP A 67 -15.16 -0.36 18.46
N VAL A 68 -15.07 -0.15 17.14
CA VAL A 68 -16.04 0.66 16.43
C VAL A 68 -17.31 -0.14 16.16
N ASN A 69 -17.21 -1.46 16.00
CA ASN A 69 -18.39 -2.27 15.73
C ASN A 69 -19.37 -2.23 16.90
N ASP A 70 -18.86 -2.34 18.13
CA ASP A 70 -19.73 -2.36 19.32
C ASP A 70 -19.67 -1.07 20.12
N GLN A 71 -18.92 -0.07 19.67
CA GLN A 71 -18.79 1.24 20.31
C GLN A 71 -18.32 1.11 21.76
N ASP A 72 -17.12 0.57 21.93
CA ASP A 72 -16.51 0.48 23.24
C ASP A 72 -15.00 0.47 23.06
N PRO A 73 -14.24 0.59 24.16
CA PRO A 73 -12.78 0.72 24.03
C PRO A 73 -12.05 -0.58 23.76
N ASP A 74 -12.72 -1.72 23.94
CA ASP A 74 -12.07 -3.01 24.04
C ASP A 74 -12.16 -3.75 22.72
N PRO A 75 -11.03 -3.87 21.98
CA PRO A 75 -11.05 -4.47 20.64
C PRO A 75 -10.98 -5.99 20.62
N GLN A 76 -11.26 -6.62 21.76
CA GLN A 76 -11.14 -8.07 21.83
C GLN A 76 -11.98 -8.71 20.74
N PRO A 77 -11.46 -9.73 20.04
CA PRO A 77 -12.25 -10.37 18.98
C PRO A 77 -13.44 -11.10 19.55
N ARG A 78 -14.47 -11.24 18.71
CA ARG A 78 -15.63 -12.09 18.99
C ARG A 78 -15.27 -13.54 18.67
N TYR A 79 -15.38 -14.41 19.67
CA TYR A 79 -14.96 -15.79 19.47
C TYR A 79 -16.11 -16.62 18.92
N THR A 80 -15.81 -17.38 17.88
CA THR A 80 -16.75 -18.28 17.23
C THR A 80 -16.06 -19.60 16.90
N GLN A 81 -16.87 -20.61 16.61
CA GLN A 81 -16.33 -21.92 16.25
C GLN A 81 -15.46 -21.86 15.01
N MET A 82 -15.84 -21.05 14.04
CA MET A 82 -15.08 -20.98 12.80
C MET A 82 -13.83 -20.12 12.93
N ASN A 83 -13.62 -19.46 14.07
CA ASN A 83 -12.48 -18.57 14.28
C ASN A 83 -12.37 -17.52 13.19
N ASP A 84 -13.53 -16.95 12.81
CA ASP A 84 -13.54 -15.95 11.74
C ASP A 84 -12.71 -14.74 12.09
N ASN A 85 -12.68 -14.35 13.37
CA ASN A 85 -12.11 -13.09 13.79
C ASN A 85 -10.67 -13.23 14.27
N ARG A 86 -9.91 -14.14 13.65
CA ARG A 86 -8.49 -14.35 13.92
C ARG A 86 -7.61 -13.42 13.11
N HIS A 87 -8.17 -12.71 12.14
CA HIS A 87 -7.38 -12.06 11.09
C HIS A 87 -6.57 -10.90 11.66
N GLY A 88 -7.21 -10.08 12.48
CA GLY A 88 -6.51 -8.95 13.07
C GLY A 88 -5.39 -9.36 14.00
N THR A 89 -5.60 -10.41 14.80
CA THR A 89 -4.52 -10.87 15.70
C THR A 89 -3.31 -11.37 14.91
N ARG A 90 -3.56 -12.11 13.84
CA ARG A 90 -2.46 -12.53 12.98
C ARG A 90 -1.71 -11.32 12.41
N CYS A 91 -2.42 -10.29 11.95
CA CYS A 91 -1.71 -9.13 11.40
C CYS A 91 -0.89 -8.44 12.49
N ALA A 92 -1.44 -8.36 13.71
CA ALA A 92 -0.77 -7.61 14.77
C ALA A 92 0.57 -8.24 15.15
N GLY A 93 0.63 -9.58 15.21
CA GLY A 93 1.86 -10.24 15.59
C GLY A 93 2.96 -10.10 14.58
N GLU A 94 2.59 -9.86 13.32
CA GLU A 94 3.62 -9.61 12.32
C GLU A 94 4.32 -8.29 12.58
N VAL A 95 3.58 -7.30 13.06
CA VAL A 95 4.17 -6.00 13.36
C VAL A 95 4.98 -6.08 14.64
N ALA A 96 4.37 -6.64 15.72
CA ALA A 96 4.92 -6.35 17.04
C ALA A 96 4.78 -7.48 18.02
N ALA A 97 4.86 -8.72 17.57
CA ALA A 97 4.97 -9.82 18.52
C ALA A 97 6.21 -9.63 19.40
N VAL A 98 6.05 -9.92 20.70
CA VAL A 98 7.13 -9.70 21.67
C VAL A 98 8.30 -10.63 21.38
N ALA A 99 9.51 -10.14 21.65
CA ALA A 99 10.71 -10.92 21.38
C ALA A 99 11.29 -11.48 22.66
N ASN A 100 12.05 -12.58 22.50
CA ASN A 100 12.85 -13.17 23.58
C ASN A 100 12.02 -13.50 24.81
N ASN A 101 10.82 -14.04 24.58
CA ASN A 101 9.92 -14.41 25.67
C ASN A 101 9.48 -15.87 25.55
N GLY A 102 10.19 -16.68 24.76
CA GLY A 102 9.87 -18.08 24.66
C GLY A 102 8.56 -18.43 24.02
N VAL A 103 7.93 -17.49 23.32
CA VAL A 103 6.62 -17.71 22.70
C VAL A 103 6.71 -17.36 21.20
N CYS A 104 6.26 -18.29 20.36
CA CYS A 104 6.03 -18.05 18.91
C CYS A 104 7.26 -17.38 18.31
N GLY A 105 7.11 -16.33 17.49
CA GLY A 105 8.25 -15.69 16.88
C GLY A 105 8.37 -14.25 17.35
N VAL A 106 8.71 -13.32 16.45
CA VAL A 106 8.85 -11.93 16.82
C VAL A 106 8.20 -11.06 15.74
N GLY A 107 7.73 -9.89 16.14
CA GLY A 107 7.34 -8.89 15.17
C GLY A 107 8.53 -8.25 14.51
N VAL A 108 8.28 -7.61 13.36
CA VAL A 108 9.33 -6.80 12.74
C VAL A 108 9.78 -5.71 13.70
N ALA A 109 8.83 -5.07 14.37
CA ALA A 109 9.11 -4.00 15.31
C ALA A 109 8.72 -4.51 16.70
N TYR A 110 9.54 -5.41 17.21
CA TYR A 110 9.13 -6.18 18.38
C TYR A 110 9.17 -5.40 19.67
N ASN A 111 9.60 -4.14 19.66
CA ASN A 111 9.47 -3.28 20.82
C ASN A 111 8.54 -2.11 20.58
N ALA A 112 7.82 -2.10 19.47
CA ALA A 112 6.84 -1.06 19.27
C ALA A 112 5.58 -1.36 20.08
N ARG A 113 4.71 -0.36 20.18
N ARG A 113 4.71 -0.36 20.17
CA ARG A 113 3.40 -0.51 20.80
CA ARG A 113 3.40 -0.50 20.79
C ARG A 113 2.37 -0.84 19.73
C ARG A 113 2.38 -0.85 19.72
N ILE A 114 1.49 -1.80 20.04
CA ILE A 114 0.55 -2.35 19.08
C ILE A 114 -0.87 -2.27 19.63
N GLY A 115 -1.78 -1.74 18.79
CA GLY A 115 -3.19 -1.73 19.10
C GLY A 115 -4.00 -2.28 17.94
N GLY A 116 -5.30 -2.40 18.19
CA GLY A 116 -6.21 -2.83 17.16
C GLY A 116 -7.52 -2.08 17.20
N VAL A 117 -8.08 -1.79 16.03
CA VAL A 117 -9.44 -1.28 15.91
C VAL A 117 -10.32 -2.42 15.41
N ARG A 118 -11.33 -2.77 16.21
CA ARG A 118 -12.32 -3.77 15.82
C ARG A 118 -13.35 -3.05 14.99
N MET A 119 -13.26 -3.21 13.67
CA MET A 119 -14.17 -2.52 12.77
C MET A 119 -14.67 -3.37 11.60
N LEU A 120 -14.14 -4.57 11.38
CA LEU A 120 -14.65 -5.39 10.28
C LEU A 120 -15.77 -6.33 10.69
N ASP A 121 -15.99 -6.52 12.00
CA ASP A 121 -16.91 -7.56 12.49
C ASP A 121 -18.28 -6.92 12.69
N GLY A 122 -18.91 -6.57 11.58
CA GLY A 122 -20.15 -5.84 11.59
C GLY A 122 -20.34 -5.17 10.25
N GLU A 123 -21.35 -4.31 10.17
CA GLU A 123 -21.58 -3.58 8.94
C GLU A 123 -20.50 -2.52 8.79
N VAL A 124 -19.71 -2.59 7.72
CA VAL A 124 -18.59 -1.68 7.53
C VAL A 124 -19.09 -0.49 6.71
N THR A 125 -19.67 0.49 7.40
CA THR A 125 -20.12 1.70 6.75
C THR A 125 -18.96 2.68 6.53
N ASP A 126 -19.24 3.71 5.72
CA ASP A 126 -18.32 4.83 5.59
C ASP A 126 -17.97 5.42 6.96
N ALA A 127 -18.96 5.60 7.82
CA ALA A 127 -18.69 6.17 9.14
C ALA A 127 -17.76 5.28 9.96
N VAL A 128 -17.98 3.95 9.92
CA VAL A 128 -17.10 3.00 10.61
C VAL A 128 -15.67 3.16 10.12
N GLU A 129 -15.49 3.18 8.80
CA GLU A 129 -14.14 3.33 8.27
C GLU A 129 -13.51 4.63 8.76
N ALA A 130 -14.28 5.72 8.73
CA ALA A 130 -13.73 7.03 9.09
C ALA A 130 -13.35 7.10 10.56
N ARG A 131 -14.16 6.50 11.43
CA ARG A 131 -13.85 6.53 12.85
C ARG A 131 -12.62 5.68 13.15
N SER A 132 -12.31 4.70 12.29
CA SER A 132 -11.14 3.84 12.47
C SER A 132 -9.88 4.53 11.95
N LEU A 133 -9.92 5.01 10.72
CA LEU A 133 -8.81 5.74 10.12
C LEU A 133 -8.47 7.00 10.90
N GLY A 134 -9.45 7.61 11.55
CA GLY A 134 -9.24 8.82 12.31
C GLY A 134 -9.06 8.61 13.81
N LEU A 135 -8.81 7.38 14.25
CA LEU A 135 -8.66 7.13 15.67
C LEU A 135 -7.36 7.71 16.23
N ASN A 136 -7.48 8.52 17.28
N ASN A 136 -7.48 8.52 17.28
CA ASN A 136 -6.37 9.03 18.09
CA ASN A 136 -6.36 9.01 18.09
C ASN A 136 -5.16 9.38 17.24
C ASN A 136 -5.16 9.38 17.23
N PRO A 137 -5.34 10.27 16.26
CA PRO A 137 -4.28 10.51 15.26
C PRO A 137 -3.05 11.24 15.78
N ASN A 138 -3.07 11.75 16.99
CA ASN A 138 -1.87 12.29 17.60
C ASN A 138 -1.18 11.32 18.52
N HIS A 139 -1.69 10.10 18.64
CA HIS A 139 -1.03 9.03 19.37
C HIS A 139 -0.59 7.90 18.46
N ILE A 140 -1.47 7.42 17.58
CA ILE A 140 -1.11 6.38 16.64
C ILE A 140 -0.25 6.99 15.53
N HIS A 141 0.86 6.34 15.21
CA HIS A 141 1.72 6.79 14.13
C HIS A 141 1.38 6.15 12.79
N ILE A 142 1.11 4.85 12.80
CA ILE A 142 1.00 4.03 11.60
C ILE A 142 -0.27 3.20 11.73
N TYR A 143 -1.10 3.23 10.69
CA TYR A 143 -2.30 2.42 10.57
C TYR A 143 -2.08 1.35 9.51
N SER A 144 -2.46 0.10 9.81
CA SER A 144 -2.29 -1.01 8.88
C SER A 144 -3.66 -1.60 8.56
N ALA A 145 -3.97 -1.71 7.27
CA ALA A 145 -5.28 -2.18 6.82
C ALA A 145 -5.13 -3.32 5.82
N SER A 146 -5.47 -4.53 6.26
CA SER A 146 -5.48 -5.72 5.41
C SER A 146 -6.91 -6.10 5.03
N TRP A 147 -7.58 -5.16 4.38
CA TRP A 147 -8.97 -5.30 3.96
C TRP A 147 -9.24 -4.30 2.86
N GLY A 148 -10.37 -4.46 2.21
CA GLY A 148 -10.80 -3.51 1.21
C GLY A 148 -12.00 -4.00 0.44
N PRO A 149 -12.28 -3.34 -0.69
CA PRO A 149 -13.41 -3.76 -1.52
C PRO A 149 -13.24 -5.18 -2.02
N GLU A 150 -14.37 -5.77 -2.39
CA GLU A 150 -14.38 -7.13 -2.89
C GLU A 150 -13.42 -7.31 -4.07
N ASP A 151 -12.71 -8.44 -4.08
CA ASP A 151 -11.75 -8.81 -5.12
C ASP A 151 -12.40 -9.73 -6.16
N ASP A 152 -13.65 -9.46 -6.57
CA ASP A 152 -14.29 -10.30 -7.56
C ASP A 152 -13.83 -9.97 -8.97
N GLY A 153 -13.01 -8.94 -9.14
CA GLY A 153 -12.57 -8.55 -10.45
C GLY A 153 -13.61 -7.82 -11.26
N LYS A 154 -14.69 -7.36 -10.63
CA LYS A 154 -15.68 -6.53 -11.29
C LYS A 154 -16.03 -5.27 -10.54
N THR A 155 -15.58 -5.12 -9.30
CA THR A 155 -15.90 -3.99 -8.46
C THR A 155 -14.98 -2.81 -8.72
N VAL A 156 -15.56 -1.61 -8.75
CA VAL A 156 -14.80 -0.36 -8.69
C VAL A 156 -15.35 0.39 -7.48
N ASP A 157 -14.53 0.57 -6.45
CA ASP A 157 -15.05 1.12 -5.20
C ASP A 157 -13.87 1.69 -4.43
N GLY A 158 -14.15 2.70 -3.63
CA GLY A 158 -13.13 3.36 -2.86
C GLY A 158 -13.75 4.07 -1.66
N PRO A 159 -12.94 4.81 -0.91
CA PRO A 159 -13.48 5.52 0.25
C PRO A 159 -14.60 6.48 -0.14
N ALA A 160 -15.70 6.41 0.60
CA ALA A 160 -16.76 7.40 0.53
C ALA A 160 -16.34 8.66 1.30
N ARG A 161 -17.27 9.61 1.51
CA ARG A 161 -16.85 10.97 1.87
C ARG A 161 -16.16 11.01 3.23
N LEU A 162 -16.74 10.33 4.24
CA LEU A 162 -16.15 10.42 5.58
C LEU A 162 -14.77 9.78 5.61
N ALA A 163 -14.62 8.64 4.95
CA ALA A 163 -13.33 7.97 4.93
C ALA A 163 -12.29 8.79 4.18
N GLU A 164 -12.65 9.39 3.06
CA GLU A 164 -11.70 10.26 2.37
C GLU A 164 -11.34 11.48 3.22
N GLU A 165 -12.34 12.07 3.89
CA GLU A 165 -12.04 13.15 4.84
C GLU A 165 -11.09 12.68 5.92
N ALA A 166 -11.23 11.42 6.37
CA ALA A 166 -10.31 10.91 7.39
C ALA A 166 -8.89 10.80 6.84
N PHE A 167 -8.74 10.36 5.58
CA PHE A 167 -7.42 10.34 4.97
C PHE A 167 -6.83 11.76 4.93
N PHE A 168 -7.64 12.74 4.51
CA PHE A 168 -7.04 14.07 4.34
C PHE A 168 -6.68 14.65 5.70
N ARG A 169 -7.57 14.49 6.69
CA ARG A 169 -7.28 14.98 8.03
C ARG A 169 -6.07 14.28 8.62
N GLY A 170 -5.93 12.98 8.35
CA GLY A 170 -4.80 12.23 8.85
C GLY A 170 -3.47 12.72 8.30
N VAL A 171 -3.38 12.87 6.97
CA VAL A 171 -2.08 13.23 6.40
C VAL A 171 -1.78 14.69 6.65
N SER A 172 -2.81 15.52 6.88
CA SER A 172 -2.57 16.95 7.05
C SER A 172 -2.27 17.33 8.50
N GLN A 173 -3.11 16.91 9.43
CA GLN A 173 -2.99 17.27 10.84
C GLN A 173 -2.54 16.12 11.73
N GLY A 174 -2.61 14.87 11.27
CA GLY A 174 -2.19 13.76 12.11
C GLY A 174 -0.70 13.80 12.41
N ARG A 175 -0.34 13.13 13.52
CA ARG A 175 1.06 12.98 13.95
C ARG A 175 1.74 14.35 14.02
N GLY A 176 1.06 15.28 14.68
CA GLY A 176 1.64 16.58 14.89
C GLY A 176 1.82 17.40 13.63
N GLY A 177 1.03 17.10 12.61
CA GLY A 177 1.14 17.77 11.33
C GLY A 177 2.08 17.11 10.36
N LEU A 178 2.78 16.05 10.77
CA LEU A 178 3.64 15.32 9.86
C LEU A 178 2.84 14.35 9.00
N GLY A 179 1.68 13.91 9.49
CA GLY A 179 0.80 13.08 8.70
C GLY A 179 0.77 11.62 9.11
N SER A 180 -0.42 11.13 9.41
CA SER A 180 -0.64 9.70 9.63
C SER A 180 -0.09 8.90 8.46
N ILE A 181 0.50 7.74 8.80
N ILE A 181 0.48 7.74 8.77
CA ILE A 181 0.99 6.78 7.82
CA ILE A 181 0.99 6.81 7.78
C ILE A 181 -0.06 5.69 7.67
C ILE A 181 0.00 5.66 7.65
N PHE A 182 -0.62 5.55 6.47
CA PHE A 182 -1.58 4.50 6.16
C PHE A 182 -0.97 3.43 5.25
N VAL A 183 -0.90 2.19 5.74
CA VAL A 183 -0.32 1.08 4.99
C VAL A 183 -1.45 0.15 4.60
N TRP A 184 -1.52 -0.21 3.31
CA TRP A 184 -2.65 -0.96 2.75
C TRP A 184 -2.16 -2.21 2.02
N ALA A 185 -2.91 -3.31 2.17
CA ALA A 185 -2.65 -4.52 1.40
C ALA A 185 -3.27 -4.36 0.02
N SER A 186 -2.50 -4.66 -1.02
CA SER A 186 -2.98 -4.32 -2.36
C SER A 186 -4.08 -5.22 -2.89
N GLY A 187 -4.29 -6.41 -2.33
CA GLY A 187 -5.48 -7.19 -2.67
C GLY A 187 -5.20 -8.67 -2.93
N ASN A 188 -6.28 -9.47 -2.91
CA ASN A 188 -6.19 -10.90 -3.14
C ASN A 188 -6.91 -11.34 -4.43
N GLY A 189 -7.13 -10.43 -5.37
CA GLY A 189 -7.94 -10.74 -6.54
C GLY A 189 -7.20 -11.30 -7.73
N GLY A 190 -6.01 -11.85 -7.52
CA GLY A 190 -5.21 -12.35 -8.62
C GLY A 190 -5.93 -13.38 -9.48
N ARG A 191 -6.60 -14.34 -8.84
CA ARG A 191 -7.27 -15.39 -9.60
C ARG A 191 -8.38 -14.83 -10.47
N GLU A 192 -9.00 -13.73 -10.06
N GLU A 192 -8.99 -13.73 -10.06
CA GLU A 192 -10.04 -13.07 -10.81
CA GLU A 192 -10.04 -13.05 -10.79
C GLU A 192 -9.50 -12.02 -11.78
C GLU A 192 -9.50 -12.02 -11.78
N HIS A 193 -8.18 -11.95 -11.95
CA HIS A 193 -7.56 -10.94 -12.81
C HIS A 193 -8.00 -9.53 -12.41
N ASP A 194 -8.12 -9.31 -11.10
CA ASP A 194 -8.48 -8.01 -10.56
C ASP A 194 -7.33 -7.01 -10.74
N SER A 195 -7.68 -5.73 -10.72
CA SER A 195 -6.71 -4.64 -10.79
C SER A 195 -6.78 -3.81 -9.51
N CYS A 196 -5.63 -3.62 -8.85
CA CYS A 196 -5.65 -2.84 -7.61
C CYS A 196 -5.78 -1.34 -7.87
N ASN A 197 -5.87 -0.89 -9.13
CA ASN A 197 -6.26 0.50 -9.37
C ASN A 197 -7.77 0.69 -9.35
N CYS A 198 -8.55 -0.39 -9.30
CA CYS A 198 -10.01 -0.30 -9.17
C CYS A 198 -10.43 -0.30 -7.72
N ASP A 199 -9.49 -0.13 -6.81
CA ASP A 199 -9.66 -0.13 -5.36
C ASP A 199 -9.17 1.25 -4.92
N GLY A 200 -10.09 2.10 -4.46
CA GLY A 200 -9.69 3.46 -4.16
C GLY A 200 -8.82 3.60 -2.93
N TYR A 201 -8.78 2.57 -2.07
CA TYR A 201 -7.94 2.62 -0.88
C TYR A 201 -6.48 2.41 -1.25
N THR A 202 -6.20 1.36 -2.06
CA THR A 202 -4.85 1.11 -2.53
C THR A 202 -4.40 2.18 -3.52
N ASN A 203 -5.31 2.60 -4.40
CA ASN A 203 -5.06 3.58 -5.43
C ASN A 203 -4.90 5.00 -4.89
N SER A 204 -5.20 5.23 -3.61
CA SER A 204 -5.04 6.53 -2.98
C SER A 204 -3.58 6.95 -2.88
N ILE A 205 -3.31 8.25 -3.05
CA ILE A 205 -1.93 8.68 -2.83
C ILE A 205 -1.58 8.65 -1.34
N TYR A 206 -2.59 8.62 -0.47
CA TYR A 206 -2.35 8.74 0.97
C TYR A 206 -2.00 7.42 1.61
N THR A 207 -2.07 6.32 0.87
CA THR A 207 -1.74 5.00 1.39
C THR A 207 -0.50 4.46 0.67
N LEU A 208 0.30 3.71 1.40
CA LEU A 208 1.40 2.95 0.83
C LEU A 208 0.84 1.56 0.54
N SER A 209 0.56 1.29 -0.73
CA SER A 209 -0.05 0.02 -1.12
C SER A 209 1.04 -1.00 -1.37
N ILE A 210 0.92 -2.16 -0.70
CA ILE A 210 1.99 -3.14 -0.58
C ILE A 210 1.52 -4.44 -1.20
N SER A 211 2.31 -4.97 -2.14
CA SER A 211 2.04 -6.25 -2.77
C SER A 211 2.95 -7.33 -2.16
N SER A 212 2.83 -8.54 -2.71
CA SER A 212 3.46 -9.72 -2.13
C SER A 212 4.40 -10.41 -3.12
N ALA A 213 5.40 -11.10 -2.59
CA ALA A 213 6.23 -12.02 -3.35
C ALA A 213 6.31 -13.35 -2.61
N THR A 214 6.37 -14.46 -3.37
CA THR A 214 6.54 -15.76 -2.77
C THR A 214 8.01 -15.96 -2.34
N GLN A 215 8.25 -17.00 -1.53
CA GLN A 215 9.60 -17.26 -1.03
C GLN A 215 10.62 -17.39 -2.16
N PHE A 216 10.24 -18.07 -3.24
CA PHE A 216 11.15 -18.25 -4.37
C PHE A 216 11.18 -17.02 -5.30
N GLY A 217 10.54 -15.92 -4.89
CA GLY A 217 10.63 -14.69 -5.67
C GLY A 217 9.67 -14.57 -6.82
N ASN A 218 8.48 -15.17 -6.72
CA ASN A 218 7.52 -15.13 -7.80
C ASN A 218 6.26 -14.36 -7.41
N VAL A 219 5.47 -14.05 -8.43
CA VAL A 219 4.20 -13.35 -8.26
C VAL A 219 3.18 -14.34 -7.76
N PRO A 220 2.69 -14.22 -6.52
CA PRO A 220 1.77 -15.24 -5.98
C PRO A 220 0.48 -15.28 -6.78
N TRP A 221 -0.21 -16.42 -6.65
CA TRP A 221 -1.48 -16.60 -7.35
C TRP A 221 -2.48 -15.49 -7.04
N TYR A 222 -2.47 -14.97 -5.81
CA TYR A 222 -3.49 -14.01 -5.37
C TYR A 222 -3.15 -12.57 -5.74
N SER A 223 -1.95 -12.34 -6.27
CA SER A 223 -1.47 -10.97 -6.46
C SER A 223 -2.27 -10.20 -7.51
N GLU A 224 -2.54 -8.93 -7.22
CA GLU A 224 -3.13 -8.03 -8.21
C GLU A 224 -2.05 -7.09 -8.70
N ALA A 225 -1.97 -6.94 -10.02
CA ALA A 225 -1.06 -5.98 -10.63
C ALA A 225 -1.77 -4.64 -10.86
N CYS A 226 -1.03 -3.54 -10.64
CA CYS A 226 -1.56 -2.20 -10.97
C CYS A 226 -0.48 -1.16 -10.76
N SER A 227 -0.69 0.04 -11.34
CA SER A 227 0.33 1.08 -11.26
C SER A 227 0.36 1.80 -9.92
N SER A 228 -0.66 1.66 -9.06
CA SER A 228 -0.65 2.39 -7.79
C SER A 228 0.18 1.69 -6.72
N THR A 229 0.54 0.43 -6.90
CA THR A 229 1.33 -0.25 -5.89
C THR A 229 2.69 0.43 -5.76
N LEU A 230 3.18 0.51 -4.54
CA LEU A 230 4.44 1.19 -4.27
C LEU A 230 5.60 0.23 -4.02
N ALA A 231 5.38 -0.86 -3.28
CA ALA A 231 6.47 -1.77 -2.95
C ALA A 231 5.88 -3.11 -2.51
N THR A 232 6.76 -4.01 -2.06
CA THR A 232 6.43 -5.42 -1.88
C THR A 232 7.05 -5.94 -0.59
N THR A 233 6.34 -6.86 0.09
CA THR A 233 6.98 -7.68 1.10
C THR A 233 6.63 -9.14 0.83
N TYR A 234 7.41 -10.03 1.43
CA TYR A 234 7.15 -11.46 1.26
C TYR A 234 5.83 -11.87 1.91
N SER A 235 5.20 -12.88 1.30
CA SER A 235 4.07 -13.57 1.90
C SER A 235 4.08 -14.99 1.36
N SER A 236 2.91 -15.61 1.30
CA SER A 236 2.81 -17.03 0.96
C SER A 236 2.79 -17.22 -0.55
N GLY A 237 2.94 -18.48 -0.95
CA GLY A 237 2.95 -18.89 -2.34
C GLY A 237 2.40 -20.30 -2.48
N ASN A 238 3.13 -21.20 -3.12
CA ASN A 238 2.66 -22.57 -3.28
C ASN A 238 3.01 -23.36 -2.01
N GLN A 239 2.68 -24.64 -2.00
CA GLN A 239 2.79 -25.43 -0.78
C GLN A 239 4.21 -25.95 -0.56
N ASN A 240 5.14 -25.67 -1.47
CA ASN A 240 6.54 -25.94 -1.22
C ASN A 240 7.24 -24.72 -0.64
N GLU A 241 6.60 -23.57 -0.68
CA GLU A 241 7.15 -22.31 -0.19
C GLU A 241 6.63 -22.05 1.21
N LYS A 242 7.48 -21.47 2.05
CA LYS A 242 7.14 -21.21 3.44
C LYS A 242 6.18 -20.04 3.55
N GLN A 243 5.59 -19.85 4.72
CA GLN A 243 4.55 -18.86 4.91
C GLN A 243 4.97 -17.99 6.10
N ILE A 244 3.99 -17.23 6.62
CA ILE A 244 4.26 -16.19 7.61
C ILE A 244 3.90 -16.69 9.01
N VAL A 245 4.80 -16.41 9.96
CA VAL A 245 4.70 -16.88 11.34
C VAL A 245 4.17 -15.75 12.21
N THR A 246 3.09 -16.01 12.96
CA THR A 246 2.53 -14.94 13.75
C THR A 246 1.61 -15.47 14.85
N THR A 247 1.11 -14.53 15.64
CA THR A 247 0.16 -14.81 16.71
C THR A 247 -1.21 -15.14 16.17
N ASP A 248 -1.83 -16.18 16.72
CA ASP A 248 -3.14 -16.63 16.27
C ASP A 248 -4.15 -16.51 17.41
N LEU A 249 -5.41 -16.54 17.02
CA LEU A 249 -6.51 -16.45 17.98
C LEU A 249 -6.43 -17.58 19.00
N ARG A 250 -6.94 -17.33 20.20
CA ARG A 250 -6.93 -18.29 21.32
C ARG A 250 -5.50 -18.57 21.79
N GLN A 251 -4.66 -17.53 21.73
CA GLN A 251 -3.33 -17.53 22.35
C GLN A 251 -2.43 -18.58 21.72
N LYS A 252 -2.65 -18.83 20.44
CA LYS A 252 -1.87 -19.81 19.70
C LYS A 252 -0.85 -19.11 18.79
N CYS A 253 0.00 -19.94 18.19
CA CYS A 253 1.01 -19.53 17.23
C CYS A 253 0.71 -20.23 15.92
N THR A 254 0.76 -19.49 14.82
CA THR A 254 0.54 -20.08 13.50
C THR A 254 1.76 -19.86 12.62
N GLU A 255 2.09 -20.86 11.80
CA GLU A 255 3.10 -20.72 10.78
C GLU A 255 2.51 -20.65 9.38
N SER A 256 1.21 -20.36 9.27
CA SER A 256 0.52 -20.44 7.98
C SER A 256 -0.38 -19.23 7.74
N HIS A 257 0.09 -18.04 8.08
CA HIS A 257 -0.59 -16.80 7.68
C HIS A 257 -0.20 -16.54 6.23
N THR A 258 -1.15 -16.03 5.44
CA THR A 258 -1.00 -16.07 4.00
C THR A 258 -1.58 -14.83 3.32
N GLY A 259 -1.31 -14.71 2.01
CA GLY A 259 -2.01 -13.76 1.16
C GLY A 259 -1.56 -12.32 1.33
N THR A 260 -2.32 -11.44 0.67
CA THR A 260 -2.02 -10.02 0.77
C THR A 260 -2.07 -9.55 2.21
N SER A 261 -2.88 -10.20 3.03
CA SER A 261 -3.08 -9.75 4.40
C SER A 261 -1.78 -9.69 5.19
N ALA A 262 -0.82 -10.57 4.88
CA ALA A 262 0.42 -10.63 5.64
C ALA A 262 1.44 -9.59 5.19
N SER A 263 1.33 -9.07 3.96
CA SER A 263 2.35 -8.16 3.44
C SER A 263 2.24 -6.76 4.05
N ALA A 264 1.03 -6.23 4.21
CA ALA A 264 0.92 -4.87 4.76
C ALA A 264 1.47 -4.79 6.18
N PRO A 265 1.17 -5.75 7.09
CA PRO A 265 1.72 -5.63 8.45
C PRO A 265 3.24 -5.69 8.51
N LEU A 266 3.87 -6.51 7.68
CA LEU A 266 5.33 -6.51 7.62
C LEU A 266 5.86 -5.15 7.16
N ALA A 267 5.22 -4.55 6.17
CA ALA A 267 5.60 -3.20 5.75
C ALA A 267 5.39 -2.20 6.88
N ALA A 268 4.26 -2.31 7.59
CA ALA A 268 4.00 -1.40 8.71
C ALA A 268 5.08 -1.53 9.76
N GLY A 269 5.54 -2.75 10.02
CA GLY A 269 6.63 -2.94 10.96
C GLY A 269 7.93 -2.30 10.49
N ILE A 270 8.28 -2.49 9.22
CA ILE A 270 9.48 -1.86 8.69
C ILE A 270 9.37 -0.34 8.78
N ILE A 271 8.20 0.21 8.47
CA ILE A 271 7.99 1.65 8.57
C ILE A 271 8.11 2.12 10.03
N ALA A 272 7.71 1.29 10.99
CA ALA A 272 7.87 1.64 12.39
C ALA A 272 9.34 1.77 12.74
N LEU A 273 10.17 0.82 12.28
CA LEU A 273 11.61 0.92 12.54
C LEU A 273 12.17 2.19 11.93
N THR A 274 11.69 2.53 10.73
CA THR A 274 12.16 3.72 10.04
C THR A 274 11.77 4.99 10.79
N LEU A 275 10.54 5.04 11.31
CA LEU A 275 10.13 6.19 12.09
C LEU A 275 10.94 6.31 13.37
N GLU A 276 11.29 5.18 13.99
CA GLU A 276 12.17 5.28 15.16
C GLU A 276 13.50 5.93 14.77
N ALA A 277 14.01 5.60 13.59
CA ALA A 277 15.28 6.18 13.15
C ALA A 277 15.16 7.68 12.86
N ASN A 278 13.97 8.18 12.58
CA ASN A 278 13.79 9.62 12.35
C ASN A 278 12.32 9.96 12.56
N LYS A 279 12.00 10.48 13.73
CA LYS A 279 10.60 10.68 14.06
C LYS A 279 10.00 11.88 13.35
N ASN A 280 10.83 12.69 12.69
CA ASN A 280 10.36 13.88 12.00
C ASN A 280 9.97 13.60 10.55
N LEU A 281 9.96 12.35 10.10
CA LEU A 281 9.60 12.04 8.73
C LEU A 281 8.13 12.33 8.50
N THR A 282 7.81 12.98 7.38
CA THR A 282 6.42 13.23 7.01
C THR A 282 5.86 12.02 6.26
N TRP A 283 4.55 12.04 6.06
CA TRP A 283 3.91 10.95 5.30
C TRP A 283 4.50 10.83 3.91
N ARG A 284 4.86 11.98 3.30
CA ARG A 284 5.47 11.93 1.98
C ARG A 284 6.94 11.50 2.06
N ASP A 285 7.67 11.98 3.08
CA ASP A 285 9.05 11.50 3.26
C ASP A 285 9.08 9.97 3.23
N MET A 286 8.16 9.34 3.94
CA MET A 286 8.18 7.87 4.07
C MET A 286 8.00 7.21 2.71
N GLN A 287 7.15 7.78 1.84
CA GLN A 287 7.01 7.19 0.51
C GLN A 287 8.29 7.38 -0.31
N HIS A 288 8.92 8.54 -0.21
CA HIS A 288 10.22 8.75 -0.86
C HIS A 288 11.25 7.69 -0.40
N LEU A 289 11.32 7.44 0.90
CA LEU A 289 12.27 6.46 1.41
C LEU A 289 12.01 5.09 0.81
N VAL A 290 10.73 4.69 0.74
CA VAL A 290 10.37 3.40 0.15
C VAL A 290 10.79 3.34 -1.31
N VAL A 291 10.50 4.40 -2.08
CA VAL A 291 10.88 4.40 -3.49
C VAL A 291 12.40 4.24 -3.64
N GLN A 292 13.17 4.98 -2.84
CA GLN A 292 14.61 5.00 -3.06
C GLN A 292 15.29 3.72 -2.58
N THR A 293 14.74 3.03 -1.59
CA THR A 293 15.48 1.92 -0.98
C THR A 293 15.01 0.53 -1.38
N SER A 294 13.84 0.40 -2.00
CA SER A 294 13.28 -0.93 -2.27
C SER A 294 14.07 -1.60 -3.39
N LYS A 295 14.07 -2.92 -3.36
CA LYS A 295 15.03 -3.71 -4.13
C LYS A 295 14.32 -4.62 -5.10
N PRO A 296 14.53 -4.45 -6.41
CA PRO A 296 13.91 -5.37 -7.38
C PRO A 296 14.58 -6.73 -7.45
N ALA A 297 15.82 -6.84 -7.00
CA ALA A 297 16.67 -7.96 -7.40
C ALA A 297 16.02 -9.30 -7.10
N HIS A 298 16.03 -10.18 -8.10
CA HIS A 298 15.57 -11.56 -7.98
C HIS A 298 14.08 -11.68 -7.70
N LEU A 299 13.30 -10.63 -7.88
CA LEU A 299 11.87 -10.77 -7.99
C LEU A 299 11.55 -10.99 -9.47
N ASN A 300 10.87 -12.08 -9.77
CA ASN A 300 10.54 -12.45 -11.15
C ASN A 300 9.22 -11.82 -11.59
N ALA A 301 9.26 -11.11 -12.71
CA ALA A 301 8.07 -10.55 -13.34
C ALA A 301 8.40 -10.33 -14.81
N ASN A 302 7.40 -10.37 -15.67
CA ASN A 302 7.66 -10.15 -17.08
C ASN A 302 7.49 -8.71 -17.49
N ASP A 303 7.20 -7.80 -16.56
CA ASP A 303 6.95 -6.40 -16.91
C ASP A 303 7.91 -5.42 -16.27
N TRP A 304 9.07 -5.86 -15.79
CA TRP A 304 10.03 -4.93 -15.22
C TRP A 304 10.40 -3.89 -16.28
N ALA A 305 10.37 -2.61 -15.89
CA ALA A 305 10.75 -1.52 -16.78
C ALA A 305 11.56 -0.51 -16.00
N THR A 306 12.48 0.15 -16.69
CA THR A 306 13.30 1.19 -16.09
C THR A 306 12.62 2.51 -16.40
N ASN A 307 12.37 3.31 -15.35
CA ASN A 307 11.65 4.56 -15.55
C ASN A 307 12.64 5.67 -15.93
N GLY A 308 12.17 6.93 -15.90
CA GLY A 308 12.96 8.02 -16.46
C GLY A 308 14.12 8.43 -15.60
N VAL A 309 14.16 7.98 -14.35
CA VAL A 309 15.26 8.29 -13.44
C VAL A 309 16.05 7.03 -13.11
N GLY A 310 15.91 6.00 -13.93
CA GLY A 310 16.71 4.80 -13.86
C GLY A 310 16.31 3.78 -12.83
N ARG A 311 15.13 3.88 -12.26
CA ARG A 311 14.66 2.94 -11.26
C ARG A 311 13.79 1.88 -11.92
N LYS A 312 14.01 0.62 -11.53
CA LYS A 312 13.19 -0.46 -12.06
C LYS A 312 11.85 -0.48 -11.33
N VAL A 313 10.78 -0.72 -12.07
CA VAL A 313 9.44 -0.72 -11.49
C VAL A 313 8.60 -1.76 -12.23
N SER A 314 7.75 -2.44 -11.47
CA SER A 314 6.86 -3.48 -11.98
C SER A 314 5.46 -3.23 -11.43
N HIS A 315 4.44 -3.62 -12.22
CA HIS A 315 3.06 -3.49 -11.74
C HIS A 315 2.72 -4.55 -10.71
N SER A 316 3.53 -5.62 -10.64
CA SER A 316 3.32 -6.63 -9.61
C SER A 316 3.98 -6.27 -8.29
N TYR A 317 5.03 -5.44 -8.33
CA TYR A 317 5.86 -5.25 -7.17
C TYR A 317 6.17 -3.79 -6.83
N GLY A 318 5.71 -2.83 -7.63
CA GLY A 318 6.12 -1.46 -7.40
C GLY A 318 7.62 -1.36 -7.59
N TYR A 319 8.30 -0.71 -6.65
CA TYR A 319 9.75 -0.57 -6.70
C TYR A 319 10.50 -1.77 -6.13
N GLY A 320 9.80 -2.81 -5.72
CA GLY A 320 10.45 -4.04 -5.28
C GLY A 320 10.28 -4.31 -3.79
N LEU A 321 11.12 -5.21 -3.28
CA LEU A 321 11.06 -5.62 -1.88
C LEU A 321 11.53 -4.51 -0.96
N LEU A 322 10.82 -4.32 0.15
CA LEU A 322 11.33 -3.43 1.18
C LEU A 322 12.64 -3.96 1.76
N ASP A 323 13.48 -3.04 2.18
CA ASP A 323 14.82 -3.28 2.71
C ASP A 323 14.90 -2.47 4.01
N ALA A 324 14.63 -3.12 5.13
CA ALA A 324 14.56 -2.43 6.41
C ALA A 324 15.88 -1.77 6.77
N GLY A 325 17.00 -2.47 6.59
CA GLY A 325 18.29 -1.87 6.93
C GLY A 325 18.56 -0.62 6.13
N ALA A 326 18.19 -0.62 4.84
CA ALA A 326 18.42 0.54 3.99
C ALA A 326 17.48 1.69 4.36
N MET A 327 16.24 1.35 4.71
CA MET A 327 15.27 2.34 5.16
C MET A 327 15.76 3.09 6.39
N VAL A 328 16.18 2.36 7.43
CA VAL A 328 16.55 3.03 8.68
C VAL A 328 17.83 3.82 8.48
N ALA A 329 18.73 3.32 7.64
CA ALA A 329 19.97 4.04 7.38
C ALA A 329 19.70 5.36 6.66
N LEU A 330 18.89 5.30 5.60
CA LEU A 330 18.59 6.51 4.83
C LEU A 330 17.74 7.50 5.63
N ALA A 331 16.89 6.99 6.54
CA ALA A 331 16.03 7.90 7.31
C ALA A 331 16.84 8.84 8.18
N GLN A 332 18.01 8.42 8.66
CA GLN A 332 18.63 9.12 9.77
C GLN A 332 19.01 10.55 9.42
N ASN A 333 19.59 10.77 8.24
CA ASN A 333 19.97 12.12 7.84
C ASN A 333 19.07 12.65 6.74
N TRP A 334 17.86 12.12 6.62
CA TRP A 334 16.95 12.52 5.57
C TRP A 334 16.53 13.99 5.73
N THR A 335 16.56 14.71 4.62
CA THR A 335 16.09 16.10 4.60
C THR A 335 14.62 16.13 4.17
N THR A 336 13.78 16.71 5.03
CA THR A 336 12.35 16.79 4.77
C THR A 336 12.09 17.32 3.37
N VAL A 337 11.15 16.69 2.66
CA VAL A 337 10.83 17.15 1.31
C VAL A 337 10.06 18.47 1.39
N ALA A 338 10.10 19.20 0.28
CA ALA A 338 9.40 20.46 0.18
C ALA A 338 7.90 20.23 0.21
N PRO A 339 7.12 21.28 0.48
CA PRO A 339 5.66 21.11 0.54
C PRO A 339 5.13 20.61 -0.80
N GLN A 340 4.06 19.82 -0.72
CA GLN A 340 3.50 19.18 -1.89
C GLN A 340 2.77 20.19 -2.75
N ARG A 341 3.14 20.24 -4.04
CA ARG A 341 2.43 21.02 -5.06
C ARG A 341 1.47 20.11 -5.83
N LYS A 342 0.41 20.70 -6.36
CA LYS A 342 -0.58 19.99 -7.17
C LYS A 342 -0.85 20.80 -8.43
N CYS A 343 -0.62 20.20 -9.58
CA CYS A 343 -0.82 20.87 -10.87
C CYS A 343 -1.94 20.12 -11.60
N ILE A 344 -3.03 20.83 -11.88
CA ILE A 344 -4.23 20.27 -12.48
C ILE A 344 -4.29 20.64 -13.95
N ILE A 345 -4.35 19.64 -14.83
CA ILE A 345 -4.38 19.87 -16.27
C ILE A 345 -5.61 19.19 -16.86
N ASP A 346 -6.56 20.00 -17.32
CA ASP A 346 -7.76 19.49 -17.98
C ASP A 346 -7.40 19.26 -19.44
N ILE A 347 -7.38 18.01 -19.88
CA ILE A 347 -6.72 17.64 -21.13
C ILE A 347 -7.65 17.87 -22.32
N LEU A 348 -8.91 17.42 -22.24
CA LEU A 348 -9.75 17.35 -23.42
C LEU A 348 -10.35 18.69 -23.80
N THR A 349 -10.48 18.94 -25.10
CA THR A 349 -11.29 20.07 -25.56
C THR A 349 -12.67 19.65 -26.05
N GLU A 350 -12.89 18.36 -26.25
CA GLU A 350 -14.16 17.81 -26.69
C GLU A 350 -14.20 16.34 -26.29
N PRO A 351 -15.39 15.75 -26.14
CA PRO A 351 -15.45 14.31 -25.88
C PRO A 351 -14.89 13.53 -27.06
N LYS A 352 -14.39 12.33 -26.78
CA LYS A 352 -13.76 11.48 -27.77
C LYS A 352 -14.39 10.09 -27.75
N ASP A 353 -14.86 9.64 -28.92
N ASP A 353 -14.83 9.63 -28.92
CA ASP A 353 -15.36 8.27 -29.01
CA ASP A 353 -15.32 8.27 -29.07
C ASP A 353 -14.20 7.29 -28.85
C ASP A 353 -14.17 7.29 -28.84
N ILE A 354 -14.43 6.25 -28.06
CA ILE A 354 -13.36 5.29 -27.78
C ILE A 354 -13.18 4.31 -28.94
N GLY A 355 -14.28 3.70 -29.39
CA GLY A 355 -14.15 2.75 -30.48
C GLY A 355 -13.23 1.60 -30.13
N LYS A 356 -12.49 1.12 -31.13
CA LYS A 356 -11.56 0.02 -30.90
C LYS A 356 -10.32 0.49 -30.14
N ARG A 357 -9.93 1.75 -30.33
CA ARG A 357 -8.72 2.28 -29.74
C ARG A 357 -8.78 3.81 -29.80
N LEU A 358 -8.36 4.44 -28.73
CA LEU A 358 -8.28 5.90 -28.62
C LEU A 358 -6.92 6.26 -28.03
N GLU A 359 -6.24 7.19 -28.68
CA GLU A 359 -4.99 7.73 -28.18
C GLU A 359 -5.16 9.23 -28.03
N VAL A 360 -4.85 9.75 -26.84
CA VAL A 360 -4.92 11.18 -26.55
C VAL A 360 -3.52 11.65 -26.17
N ARG A 361 -2.98 12.59 -26.94
CA ARG A 361 -1.65 13.13 -26.70
C ARG A 361 -1.81 14.58 -26.26
N LYS A 362 -1.07 14.97 -25.23
CA LYS A 362 -1.10 16.36 -24.80
C LYS A 362 0.28 16.74 -24.27
N THR A 363 0.79 17.88 -24.73
CA THR A 363 2.04 18.42 -24.22
C THR A 363 1.71 19.41 -23.13
N VAL A 364 2.28 19.23 -21.95
CA VAL A 364 1.97 20.06 -20.79
C VAL A 364 3.23 20.77 -20.30
N THR A 365 3.01 21.92 -19.63
CA THR A 365 4.11 22.66 -19.01
C THR A 365 4.22 22.40 -17.52
N ALA A 366 3.27 21.67 -16.93
CA ALA A 366 3.29 21.31 -15.53
C ALA A 366 3.34 22.57 -14.66
N CYS A 367 2.46 23.53 -14.99
CA CYS A 367 2.23 24.74 -14.20
C CYS A 367 3.49 25.62 -14.17
N LEU A 368 4.20 25.66 -15.29
CA LEU A 368 5.35 26.52 -15.42
C LEU A 368 5.00 27.96 -15.11
N GLY A 369 5.91 28.63 -14.38
CA GLY A 369 5.72 30.01 -14.01
C GLY A 369 4.80 30.24 -12.85
N GLU A 370 4.27 29.20 -12.25
CA GLU A 370 3.29 29.30 -11.19
C GLU A 370 3.82 28.66 -9.92
N PRO A 371 3.20 28.97 -8.77
CA PRO A 371 3.66 28.39 -7.51
C PRO A 371 3.52 26.88 -7.44
N ASN A 372 2.69 26.28 -8.27
CA ASN A 372 2.52 24.84 -8.26
C ASN A 372 3.29 24.17 -9.41
N HIS A 373 4.24 24.89 -10.01
CA HIS A 373 5.18 24.27 -10.94
C HIS A 373 5.83 23.03 -10.34
N ILE A 374 5.78 21.92 -11.08
CA ILE A 374 6.36 20.66 -10.64
C ILE A 374 7.44 20.23 -11.64
N THR A 375 8.68 20.09 -11.17
CA THR A 375 9.74 19.49 -11.93
C THR A 375 10.12 18.11 -11.41
N ARG A 376 9.62 17.72 -10.23
CA ARG A 376 9.94 16.45 -9.57
C ARG A 376 8.64 15.80 -9.17
N LEU A 377 8.16 14.87 -10.00
CA LEU A 377 6.87 14.25 -9.78
C LEU A 377 6.90 13.29 -8.59
N GLU A 378 5.77 13.20 -7.89
CA GLU A 378 5.52 12.11 -6.93
C GLU A 378 4.47 11.20 -7.57
N HIS A 379 3.24 11.22 -7.08
CA HIS A 379 2.14 10.54 -7.72
C HIS A 379 1.61 11.33 -8.92
N ALA A 380 1.13 10.63 -9.93
CA ALA A 380 0.33 11.22 -10.99
C ALA A 380 -0.99 10.47 -11.11
N GLN A 381 -2.05 11.18 -11.41
CA GLN A 381 -3.36 10.60 -11.63
C GLN A 381 -3.89 10.99 -13.00
N ALA A 382 -4.54 10.05 -13.66
CA ALA A 382 -5.40 10.33 -14.80
C ALA A 382 -6.83 10.14 -14.32
N ARG A 383 -7.54 11.23 -14.07
CA ARG A 383 -8.91 11.19 -13.57
C ARG A 383 -9.81 11.13 -14.79
N LEU A 384 -10.42 9.98 -15.01
CA LEU A 384 -11.14 9.70 -16.24
C LEU A 384 -12.63 9.57 -16.00
N THR A 385 -13.40 10.21 -16.87
CA THR A 385 -14.85 10.00 -16.94
C THR A 385 -15.18 9.45 -18.32
N LEU A 386 -15.78 8.27 -18.36
CA LEU A 386 -16.08 7.64 -19.63
C LEU A 386 -17.25 6.68 -19.48
N SER A 387 -17.99 6.53 -20.58
CA SER A 387 -19.01 5.49 -20.74
C SER A 387 -18.45 4.37 -21.58
N TYR A 388 -18.89 3.15 -21.30
CA TYR A 388 -18.51 2.00 -22.12
C TYR A 388 -19.52 0.89 -21.86
N ASN A 389 -19.74 0.07 -22.88
CA ASN A 389 -20.76 -0.98 -22.72
C ASN A 389 -20.26 -2.18 -21.93
N ARG A 390 -18.96 -2.48 -21.94
CA ARG A 390 -18.43 -3.60 -21.13
C ARG A 390 -17.07 -3.21 -20.55
N ARG A 391 -17.08 -2.78 -19.30
CA ARG A 391 -15.94 -2.08 -18.73
C ARG A 391 -14.67 -2.93 -18.73
N GLY A 392 -14.81 -4.23 -18.44
CA GLY A 392 -13.64 -5.10 -18.31
C GLY A 392 -12.92 -5.40 -19.60
N ASP A 393 -13.49 -5.05 -20.75
CA ASP A 393 -12.74 -5.20 -22.00
C ASP A 393 -11.76 -4.05 -22.24
N LEU A 394 -11.80 -2.99 -21.41
CA LEU A 394 -10.89 -1.87 -21.59
C LEU A 394 -9.52 -2.16 -21.01
N ALA A 395 -8.47 -1.71 -21.72
CA ALA A 395 -7.13 -1.58 -21.19
C ALA A 395 -6.71 -0.14 -21.36
N ILE A 396 -6.13 0.44 -20.31
CA ILE A 396 -5.78 1.85 -20.29
C ILE A 396 -4.32 2.00 -19.90
N HIS A 397 -3.56 2.76 -20.71
CA HIS A 397 -2.17 3.02 -20.41
C HIS A 397 -1.93 4.52 -20.43
N LEU A 398 -0.94 4.95 -19.65
CA LEU A 398 -0.52 6.34 -19.58
C LEU A 398 1.00 6.40 -19.72
N VAL A 399 1.48 7.16 -20.69
CA VAL A 399 2.91 7.26 -20.94
C VAL A 399 3.39 8.66 -20.55
N SER A 400 4.43 8.71 -19.72
CA SER A 400 4.97 9.98 -19.26
C SER A 400 5.92 10.56 -20.29
N PRO A 401 6.24 11.85 -20.17
CA PRO A 401 7.23 12.46 -21.11
C PRO A 401 8.57 11.77 -21.13
N MET A 402 8.97 11.13 -20.02
N MET A 402 8.99 11.15 -20.03
CA MET A 402 10.22 10.39 -19.95
CA MET A 402 10.24 10.42 -20.01
C MET A 402 10.10 8.97 -20.51
C MET A 402 10.09 8.96 -20.45
N GLY A 403 8.95 8.61 -21.08
CA GLY A 403 8.78 7.34 -21.73
C GLY A 403 8.30 6.20 -20.87
N THR A 404 7.82 6.47 -19.66
CA THR A 404 7.44 5.40 -18.74
C THR A 404 5.98 5.06 -18.97
N ARG A 405 5.72 3.82 -19.35
CA ARG A 405 4.37 3.37 -19.68
C ARG A 405 3.76 2.73 -18.44
N SER A 406 2.76 3.40 -17.89
CA SER A 406 2.01 2.88 -16.74
C SER A 406 0.74 2.23 -17.24
N THR A 407 0.50 0.99 -16.81
CA THR A 407 -0.81 0.37 -17.04
C THR A 407 -1.77 0.88 -15.96
N LEU A 408 -2.68 1.76 -16.35
CA LEU A 408 -3.68 2.25 -15.42
C LEU A 408 -4.79 1.22 -15.20
N LEU A 409 -5.07 0.43 -16.23
CA LEU A 409 -6.14 -0.57 -16.14
C LEU A 409 -5.82 -1.68 -17.12
N ALA A 410 -5.69 -2.90 -16.63
CA ALA A 410 -5.62 -4.06 -17.51
C ALA A 410 -7.01 -4.65 -17.70
N ALA A 411 -7.16 -5.49 -18.73
CA ALA A 411 -8.45 -6.13 -18.94
C ALA A 411 -8.90 -6.89 -17.69
N ARG A 412 -10.19 -6.83 -17.39
CA ARG A 412 -10.80 -7.54 -16.27
C ARG A 412 -11.90 -8.42 -16.83
N PRO A 413 -11.62 -9.69 -17.11
CA PRO A 413 -12.61 -10.55 -17.77
C PRO A 413 -13.95 -10.63 -17.07
N HIS A 414 -14.00 -10.50 -15.75
CA HIS A 414 -15.24 -10.62 -15.01
C HIS A 414 -16.02 -9.32 -14.90
N ASP A 415 -15.49 -8.20 -15.36
CA ASP A 415 -16.15 -6.91 -15.22
C ASP A 415 -17.03 -6.66 -16.43
N TYR A 416 -18.31 -7.04 -16.29
CA TYR A 416 -19.30 -6.85 -17.34
C TYR A 416 -20.00 -5.50 -17.25
N SER A 417 -19.58 -4.62 -16.35
CA SER A 417 -20.37 -3.45 -16.02
C SER A 417 -20.52 -2.52 -17.22
N ALA A 418 -21.70 -1.93 -17.33
CA ALA A 418 -21.97 -0.88 -18.28
C ALA A 418 -21.92 0.50 -17.65
N ASP A 419 -21.41 0.61 -16.43
CA ASP A 419 -21.43 1.87 -15.70
C ASP A 419 -20.21 2.74 -15.94
N GLY A 420 -19.20 2.24 -16.64
CA GLY A 420 -18.06 3.10 -16.99
C GLY A 420 -17.29 3.56 -15.77
N PHE A 421 -16.61 4.71 -15.92
CA PHE A 421 -15.82 5.31 -14.86
C PHE A 421 -16.27 6.75 -14.66
N ASN A 422 -16.54 7.10 -13.41
CA ASN A 422 -17.06 8.44 -13.09
C ASN A 422 -16.00 9.21 -12.31
N ASP A 423 -15.18 9.96 -13.06
CA ASP A 423 -14.04 10.70 -12.50
C ASP A 423 -13.18 9.80 -11.61
N TRP A 424 -12.87 8.62 -12.13
CA TRP A 424 -12.04 7.68 -11.39
C TRP A 424 -10.57 8.08 -11.52
N ALA A 425 -9.89 8.28 -10.40
CA ALA A 425 -8.53 8.83 -10.35
C ALA A 425 -7.45 7.75 -10.39
N PHE A 426 -7.30 7.12 -11.56
CA PHE A 426 -6.28 6.11 -11.77
C PHE A 426 -4.92 6.69 -11.39
N MET A 427 -4.16 5.99 -10.54
CA MET A 427 -2.91 6.55 -10.03
C MET A 427 -1.73 5.67 -10.43
N THR A 428 -0.61 6.33 -10.77
CA THR A 428 0.65 5.64 -10.95
C THR A 428 1.77 6.21 -10.09
N THR A 429 2.55 5.29 -9.51
CA THR A 429 3.76 5.61 -8.79
C THR A 429 5.00 5.47 -9.67
N HIS A 430 4.83 4.98 -10.89
CA HIS A 430 5.98 4.58 -11.69
C HIS A 430 6.81 5.74 -12.26
N SER A 431 6.33 6.98 -12.18
CA SER A 431 7.07 8.12 -12.72
C SER A 431 7.61 9.02 -11.61
N TRP A 432 7.62 8.50 -10.40
CA TRP A 432 8.20 9.19 -9.26
C TRP A 432 9.60 9.70 -9.57
N ASP A 433 9.80 10.99 -9.26
CA ASP A 433 11.02 11.78 -9.45
C ASP A 433 11.28 12.19 -10.90
N GLU A 434 10.41 11.81 -11.84
CA GLU A 434 10.56 12.29 -13.21
C GLU A 434 10.10 13.74 -13.33
N ASP A 435 10.65 14.44 -14.33
CA ASP A 435 10.14 15.74 -14.74
C ASP A 435 8.89 15.51 -15.60
N PRO A 436 7.72 15.99 -15.17
CA PRO A 436 6.46 15.74 -15.91
C PRO A 436 6.19 16.74 -17.02
N SER A 437 7.10 17.65 -17.32
CA SER A 437 6.92 18.55 -18.44
C SER A 437 7.02 17.78 -19.75
N GLY A 438 6.18 18.11 -20.71
CA GLY A 438 6.29 17.46 -22.00
C GLY A 438 5.07 16.66 -22.40
N GLU A 439 5.26 15.70 -23.32
CA GLU A 439 4.13 15.00 -23.90
C GLU A 439 3.67 13.81 -23.05
N TRP A 440 2.40 13.85 -22.62
CA TRP A 440 1.76 12.69 -21.99
C TRP A 440 0.87 12.03 -23.03
N VAL A 441 0.78 10.69 -22.96
CA VAL A 441 -0.07 9.93 -23.88
C VAL A 441 -0.98 9.01 -23.08
N LEU A 442 -2.29 9.14 -23.32
CA LEU A 442 -3.29 8.23 -22.77
C LEU A 442 -3.78 7.31 -23.88
N GLU A 443 -3.76 6.03 -23.61
CA GLU A 443 -4.22 5.01 -24.55
C GLU A 443 -5.37 4.26 -23.91
N ILE A 444 -6.49 4.16 -24.62
CA ILE A 444 -7.64 3.36 -24.22
C ILE A 444 -7.92 2.39 -25.35
N GLU A 445 -8.01 1.11 -25.04
CA GLU A 445 -8.28 0.18 -26.13
C GLU A 445 -9.21 -0.93 -25.70
N ASN A 446 -9.94 -1.43 -26.68
CA ASN A 446 -10.83 -2.57 -26.54
C ASN A 446 -9.97 -3.80 -26.76
N THR A 447 -9.80 -4.60 -25.70
CA THR A 447 -8.98 -5.80 -25.77
C THR A 447 -9.74 -7.01 -26.31
N SER A 448 -11.01 -6.85 -26.64
CA SER A 448 -11.82 -7.94 -27.14
C SER A 448 -12.19 -7.72 -28.59
N GLU A 449 -12.71 -8.79 -29.21
CA GLU A 449 -13.19 -8.74 -30.58
C GLU A 449 -14.61 -8.18 -30.70
N ALA A 450 -15.29 -7.94 -29.58
CA ALA A 450 -16.66 -7.45 -29.64
C ALA A 450 -16.70 -6.00 -30.13
N ASN A 451 -17.83 -5.64 -30.74
CA ASN A 451 -18.04 -4.27 -31.22
C ASN A 451 -18.54 -3.43 -30.04
N ASN A 452 -17.61 -3.03 -29.19
CA ASN A 452 -17.95 -2.24 -28.02
C ASN A 452 -17.96 -0.76 -28.38
N TYR A 453 -18.57 0.03 -27.51
CA TYR A 453 -18.77 1.45 -27.79
C TYR A 453 -18.78 2.26 -26.50
N GLY A 454 -18.30 3.49 -26.61
CA GLY A 454 -18.33 4.41 -25.49
C GLY A 454 -17.63 5.70 -25.86
N THR A 455 -17.60 6.60 -24.88
CA THR A 455 -17.08 7.95 -25.07
C THR A 455 -16.30 8.37 -23.83
N LEU A 456 -15.11 8.93 -24.05
CA LEU A 456 -14.35 9.59 -23.00
C LEU A 456 -14.75 11.06 -22.95
N THR A 457 -15.31 11.51 -21.81
CA THR A 457 -15.80 12.87 -21.70
C THR A 457 -14.94 13.77 -20.84
N LYS A 458 -14.04 13.21 -20.02
CA LYS A 458 -13.16 14.04 -19.22
C LYS A 458 -11.89 13.26 -18.89
N PHE A 459 -10.77 13.96 -19.02
CA PHE A 459 -9.45 13.44 -18.66
C PHE A 459 -8.71 14.59 -17.97
N THR A 460 -8.62 14.51 -16.66
CA THR A 460 -7.83 15.45 -15.87
C THR A 460 -6.51 14.78 -15.51
N LEU A 461 -5.41 15.37 -15.94
CA LEU A 461 -4.09 14.91 -15.49
C LEU A 461 -3.75 15.70 -14.24
N VAL A 462 -3.59 15.01 -13.12
CA VAL A 462 -3.25 15.64 -11.85
C VAL A 462 -1.86 15.20 -11.47
N LEU A 463 -0.97 16.19 -11.34
CA LEU A 463 0.44 15.97 -11.00
C LEU A 463 0.67 16.46 -9.58
N TYR A 464 1.29 15.62 -8.75
CA TYR A 464 1.76 16.02 -7.44
C TYR A 464 3.27 15.98 -7.40
N GLY A 465 3.87 16.87 -6.61
CA GLY A 465 5.31 16.80 -6.45
C GLY A 465 5.89 18.16 -6.04
N THR A 466 7.17 18.35 -6.37
CA THR A 466 7.92 19.51 -5.93
C THR A 466 8.72 20.08 -7.10
N ALA A 467 9.53 21.10 -6.81
CA ALA A 467 10.43 21.67 -7.80
C ALA A 467 11.85 21.75 -7.26
N SER A 468 12.26 20.81 -6.41
CA SER A 468 13.61 20.89 -5.87
C SER A 468 14.07 19.52 -5.38
N GLY A 469 15.40 19.38 -5.24
CA GLY A 469 15.99 18.31 -4.46
C GLY A 469 16.26 17.00 -5.17
N SER A 470 16.40 17.01 -6.49
CA SER A 470 16.53 15.73 -7.20
C SER A 470 17.90 15.09 -6.98
N LEU A 471 17.93 13.77 -7.06
CA LEU A 471 19.14 12.96 -7.06
C LEU A 471 19.60 12.72 -8.49
N VAL A 472 20.89 12.44 -8.65
CA VAL A 472 21.33 11.96 -9.97
C VAL A 472 20.61 10.64 -10.29
N PRO A 473 20.08 10.47 -11.49
CA PRO A 473 19.34 9.23 -11.80
C PRO A 473 20.17 7.98 -11.56
N ARG A 474 19.49 6.93 -11.11
CA ARG A 474 20.10 5.63 -10.82
C ARG A 474 20.92 5.05 -11.98
CA 3U0 B 1 -18.81 -4.74 0.96
N1 3U0 B 1 -19.82 1.70 2.12
O 3U0 B 1 -16.59 -4.15 0.32
C 3U0 B 1 -17.30 -4.65 1.20
N2 3U0 B 1 -17.98 3.11 1.99
C3 3U0 B 1 -19.31 -3.35 1.35
N3 3U0 B 1 -17.87 1.18 3.38
C4 3U0 B 1 -19.78 -3.14 2.65
C5 3U0 B 1 -19.26 -2.31 0.44
C6 3U0 B 1 -20.22 -1.87 3.01
C7 3U0 B 1 -20.17 -0.81 2.11
C8 3U0 B 1 -19.71 -1.03 0.81
C9 3U0 B 1 -20.69 0.57 2.56
C10 3U0 B 1 -18.56 1.99 2.51
N ARG B 2 -16.87 -4.94 2.43
CA ARG B 2 -15.44 -4.85 2.81
C ARG B 2 -15.00 -6.23 3.31
N TBG B 3 -13.93 -6.76 2.70
CA TBG B 3 -13.50 -8.15 3.00
CB TBG B 3 -13.55 -8.93 1.67
CG1 TBG B 3 -12.54 -8.35 0.66
CG2 TBG B 3 -13.17 -10.40 1.88
CG3 TBG B 3 -14.94 -8.83 1.09
C TBG B 3 -12.10 -8.20 3.60
O TBG B 3 -11.27 -7.36 3.28
N GGB B 4 -11.88 -9.16 4.54
CA GGB B 4 -10.55 -9.36 5.12
CB GGB B 4 -10.61 -10.50 6.14
CG GGB B 4 -11.40 -10.05 7.38
C GGB B 4 -9.63 -9.84 3.97
OD GGB B 4 -11.51 -11.22 8.19
NE GGB B 4 -12.20 -11.03 9.42
CZ GGB B 4 -13.50 -11.39 9.44
NH1 GGB B 4 -14.20 -11.31 10.58
NH2 GGB B 4 -14.10 -11.78 8.31
O GGB B 4 -10.02 -10.79 3.28
N23 00S B 5 -8.46 -9.21 3.81
C16 00S B 5 -7.53 -9.51 2.69
C17 00S B 5 -7.70 -8.33 1.69
C22 00S B 5 -6.83 -7.24 1.79
C21 00S B 5 -7.00 -6.16 0.92
C24 00S B 5 -8.02 -6.11 -0.04
C27 00S B 5 -8.13 -5.00 -0.89
N35 00S B 5 -9.24 -4.86 -1.65
N34 00S B 5 -7.16 -4.07 -0.91
C19 00S B 5 -8.87 -7.22 -0.14
C18 00S B 5 -8.72 -8.30 0.74
CA CA C . -15.62 -4.63 22.50
CA CA D . 7.74 -14.03 20.89
CA CA E . -8.83 -5.91 -5.60
NA NA F . -1.84 3.99 -2.25
NA NA G . 0.61 19.04 7.86
NA NA H . 9.88 16.88 -20.68
CL CL I . -5.44 17.00 -3.30
P PO4 J . 16.73 -16.78 10.89
O1 PO4 J . 16.85 -17.79 12.01
O2 PO4 J . 15.30 -16.27 10.81
O3 PO4 J . 17.65 -15.63 11.15
O4 PO4 J . 17.10 -17.43 9.58
P PO4 K . 3.96 -11.69 -14.47
O1 PO4 K . 4.30 -12.83 -13.57
O2 PO4 K . 5.12 -10.76 -14.50
O3 PO4 K . 3.65 -12.21 -15.85
O4 PO4 K . 2.72 -11.01 -13.93
S DMS L . -16.98 3.75 -11.27
O DMS L . -16.27 5.09 -11.41
C1 DMS L . -17.37 3.53 -9.52
C2 DMS L . -18.65 3.89 -11.96
#